data_7CBN
#
_entry.id   7CBN
#
_cell.length_a   55.584
_cell.length_b   72.435
_cell.length_c   137.727
_cell.angle_alpha   90.000
_cell.angle_beta   90.000
_cell.angle_gamma   90.000
#
_symmetry.space_group_name_H-M   'P 21 21 21'
#
loop_
_entity.id
_entity.type
_entity.pdbx_description
1 polymer Beta-N-acetylhexosaminidase
2 non-polymer 'MALONIC ACID'
3 non-polymer GLYCEROL
4 water water
#
_entity_poly.entity_id   1
_entity_poly.type   'polypeptide(L)'
_entity_poly.pdbx_seq_one_letter_code
;MGHHHHHHMAPHTIPLPAAMRVQTGESGFSLKNGVRLPEKNPLSRQAERIFRDNGINTALVKNNADIIFTEDASLGREGY
RLAVTPDSISIASGSVNGTLYALQSLVQSIAADKNGAPALPRMDVKDQPRFSWRGLMVDSCRHMMPVRDIKKVLDLMERY
KFNTLHWHLTDDQGWRLPIAKYPRLTTVGGARAQSPVIGNRNKGDGIPYSGHYTADEIRDVVRYARDRGITVIPEVEMPG
HASAAIAAYPELGNTDIPGYEPRVQETWGVHSYTFSPTEKTFRFLEDVIDEICALFPDSPYIHIGGDEAPKNQWKQSPTA
QRVMKDNGLANEHELQSYFIRRVEKMINNRGKRLIGWDEIQEGGLSPTATMMVWRSQMPHIAAQALAQGNDIVMTPNSHL
YFDYDQGPGKPAAPEYETINNNQLTWQHVYGLEPVPQGTPREREKQVLGCQANIWTEYIPNLPKWEYHVFPRALALAEVA
WTPQELKNEKDFRKRLDRQLPFLDARGVNYKRPDNGAPAQPKAVITRERRLEHHHHHH
;
_entity_poly.pdbx_strand_id   A
#
loop_
_chem_comp.id
_chem_comp.type
_chem_comp.name
_chem_comp.formula
GOL non-polymer GLYCEROL 'C3 H8 O3'
MLA non-polymer 'MALONIC ACID' 'C3 H4 O4'
#
# COMPACT_ATOMS: atom_id res chain seq x y z
N HIS A 4 -6.17 -12.45 -40.96
CA HIS A 4 -6.94 -11.63 -41.90
C HIS A 4 -6.06 -10.53 -42.46
N HIS A 5 -6.70 -9.45 -42.91
CA HIS A 5 -5.99 -8.20 -43.15
C HIS A 5 -6.12 -7.23 -41.99
N HIS A 6 -7.23 -7.23 -41.27
CA HIS A 6 -7.32 -6.48 -40.02
C HIS A 6 -6.76 -7.31 -38.89
N HIS A 7 -5.86 -6.71 -38.12
CA HIS A 7 -5.33 -7.31 -36.91
C HIS A 7 -5.61 -6.38 -35.75
N HIS A 8 -6.27 -6.89 -34.72
CA HIS A 8 -6.42 -6.12 -33.50
C HIS A 8 -5.06 -5.87 -32.88
N MET A 9 -4.93 -4.74 -32.19
CA MET A 9 -3.77 -4.52 -31.35
CA MET A 9 -3.77 -4.52 -31.35
C MET A 9 -3.73 -5.54 -30.22
N ALA A 10 -2.52 -5.86 -29.76
CA ALA A 10 -2.37 -6.76 -28.64
C ALA A 10 -2.76 -6.06 -27.34
N PRO A 11 -3.16 -6.80 -26.32
CA PRO A 11 -3.54 -6.17 -25.05
C PRO A 11 -2.42 -5.30 -24.47
N HIS A 12 -2.82 -4.26 -23.76
CA HIS A 12 -1.87 -3.41 -23.05
C HIS A 12 -1.91 -3.67 -21.54
N THR A 13 -2.40 -4.83 -21.12
CA THR A 13 -2.56 -5.15 -19.71
C THR A 13 -1.24 -5.04 -18.96
N ILE A 14 -1.30 -4.31 -17.85
CA ILE A 14 -0.26 -4.31 -16.83
C ILE A 14 -0.93 -4.70 -15.52
N PRO A 15 -0.45 -5.71 -14.79
CA PRO A 15 0.73 -6.54 -15.09
C PRO A 15 0.53 -7.53 -16.25
N LEU A 16 1.60 -7.77 -16.99
CA LEU A 16 1.61 -8.77 -18.05
C LEU A 16 1.12 -10.13 -17.53
N PRO A 17 0.14 -10.75 -18.17
CA PRO A 17 -0.31 -12.06 -17.70
C PRO A 17 0.73 -13.15 -17.92
N ALA A 18 0.67 -14.16 -17.06
CA ALA A 18 1.61 -15.28 -17.11
C ALA A 18 1.47 -16.10 -18.39
N ALA A 19 0.26 -16.20 -18.93
CA ALA A 19 0.05 -16.96 -20.16
C ALA A 19 -1.09 -16.32 -20.93
N MET A 20 -0.80 -15.88 -22.14
CA MET A 20 -1.79 -15.18 -22.95
C MET A 20 -1.57 -15.55 -24.41
N ARG A 21 -2.62 -16.03 -25.06
CA ARG A 21 -2.58 -16.39 -26.47
C ARG A 21 -3.62 -15.53 -27.20
N VAL A 22 -3.16 -14.58 -28.00
CA VAL A 22 -4.02 -13.66 -28.73
C VAL A 22 -3.90 -13.97 -30.22
N GLN A 23 -5.04 -14.21 -30.86
CA GLN A 23 -5.09 -14.43 -32.31
C GLN A 23 -5.63 -13.15 -32.94
N THR A 24 -4.70 -12.22 -33.20
CA THR A 24 -5.08 -10.86 -33.58
C THR A 24 -5.79 -10.78 -34.92
N GLY A 25 -5.60 -11.78 -35.78
CA GLY A 25 -6.20 -11.76 -37.10
C GLY A 25 -7.61 -12.33 -37.13
N GLU A 26 -7.96 -13.11 -36.12
CA GLU A 26 -9.27 -13.75 -36.12
C GLU A 26 -10.36 -12.78 -35.72
N SER A 27 -11.61 -13.19 -35.96
CA SER A 27 -12.76 -12.40 -35.54
C SER A 27 -12.80 -12.32 -34.03
N GLY A 28 -13.03 -11.12 -33.51
CA GLY A 28 -13.09 -10.87 -32.09
C GLY A 28 -14.52 -10.76 -31.58
N PHE A 29 -14.65 -10.17 -30.39
CA PHE A 29 -15.95 -9.92 -29.79
C PHE A 29 -16.23 -8.43 -29.87
N SER A 30 -17.35 -8.06 -30.48
CA SER A 30 -17.66 -6.65 -30.70
C SER A 30 -18.27 -6.03 -29.44
N LEU A 31 -17.73 -4.89 -29.03
CA LEU A 31 -18.26 -4.14 -27.90
C LEU A 31 -19.02 -2.90 -28.34
N LYS A 32 -19.26 -2.74 -29.65
CA LYS A 32 -19.87 -1.51 -30.14
C LYS A 32 -21.26 -1.27 -29.54
N ASN A 33 -21.99 -2.33 -29.20
CA ASN A 33 -23.31 -2.22 -28.61
C ASN A 33 -23.31 -2.59 -27.12
N GLY A 34 -22.16 -2.50 -26.46
CA GLY A 34 -22.09 -2.78 -25.05
C GLY A 34 -21.98 -4.27 -24.75
N VAL A 35 -22.03 -4.57 -23.46
CA VAL A 35 -21.89 -5.93 -22.94
C VAL A 35 -23.13 -6.27 -22.15
N ARG A 36 -23.68 -7.46 -22.37
CA ARG A 36 -24.80 -7.95 -21.59
C ARG A 36 -24.28 -8.82 -20.45
N LEU A 37 -24.71 -8.52 -19.21
CA LEU A 37 -24.23 -9.23 -18.03
C LEU A 37 -25.36 -10.02 -17.37
N PRO A 38 -25.08 -11.19 -16.81
CA PRO A 38 -26.14 -12.00 -16.20
C PRO A 38 -26.67 -11.35 -14.93
N GLU A 39 -27.97 -11.01 -14.93
CA GLU A 39 -28.50 -10.14 -13.91
C GLU A 39 -28.50 -10.79 -12.51
N LYS A 40 -28.52 -12.12 -12.44
CA LYS A 40 -28.57 -12.79 -11.14
C LYS A 40 -27.20 -12.99 -10.50
N ASN A 41 -26.11 -12.84 -11.25
CA ASN A 41 -24.80 -13.08 -10.66
C ASN A 41 -24.29 -11.83 -9.98
N PRO A 42 -23.88 -11.90 -8.70
CA PRO A 42 -23.38 -10.69 -8.03
C PRO A 42 -22.13 -10.12 -8.67
N LEU A 43 -21.37 -10.96 -9.36
CA LEU A 43 -20.17 -10.50 -10.07
C LEU A 43 -20.50 -9.53 -11.19
N SER A 44 -21.75 -9.56 -11.70
CA SER A 44 -22.12 -8.63 -12.75
C SER A 44 -22.05 -7.18 -12.28
N ARG A 45 -22.26 -6.93 -10.99
CA ARG A 45 -22.17 -5.55 -10.51
C ARG A 45 -20.73 -5.05 -10.56
N GLN A 46 -19.76 -5.96 -10.33
CA GLN A 46 -18.36 -5.56 -10.45
C GLN A 46 -17.97 -5.38 -11.91
N ALA A 47 -18.46 -6.26 -12.78
CA ALA A 47 -18.19 -6.11 -14.21
C ALA A 47 -18.81 -4.82 -14.74
N GLU A 48 -20.00 -4.47 -14.25
CA GLU A 48 -20.62 -3.21 -14.63
C GLU A 48 -19.70 -2.04 -14.30
N ARG A 49 -19.16 -2.03 -13.08
CA ARG A 49 -18.28 -0.95 -12.64
C ARG A 49 -17.05 -0.85 -13.53
N ILE A 50 -16.40 -1.99 -13.77
CA ILE A 50 -15.11 -1.97 -14.45
C ILE A 50 -15.27 -1.64 -15.92
N PHE A 51 -16.29 -2.22 -16.58
CA PHE A 51 -16.51 -1.88 -17.98
C PHE A 51 -16.87 -0.41 -18.14
N ARG A 52 -17.69 0.12 -17.24
CA ARG A 52 -18.10 1.51 -17.39
C ARG A 52 -16.95 2.47 -17.11
N ASP A 53 -16.05 2.08 -16.19
CA ASP A 53 -14.80 2.83 -15.98
C ASP A 53 -14.01 2.99 -17.27
N ASN A 54 -14.20 2.09 -18.22
CA ASN A 54 -13.41 2.08 -19.45
C ASN A 54 -14.25 2.43 -20.68
N GLY A 55 -15.40 3.07 -20.47
CA GLY A 55 -16.17 3.62 -21.58
C GLY A 55 -17.06 2.64 -22.30
N ILE A 56 -17.34 1.48 -21.71
CA ILE A 56 -18.16 0.44 -22.34
C ILE A 56 -19.50 0.37 -21.60
N ASN A 57 -20.59 0.47 -22.35
CA ASN A 57 -21.92 0.33 -21.75
C ASN A 57 -22.20 -1.11 -21.37
N THR A 58 -23.00 -1.28 -20.33
CA THR A 58 -23.43 -2.60 -19.89
C THR A 58 -24.92 -2.60 -19.62
N ALA A 59 -25.51 -3.78 -19.67
CA ALA A 59 -26.88 -4.00 -19.25
C ALA A 59 -26.96 -5.31 -18.48
N LEU A 60 -27.73 -5.32 -17.40
CA LEU A 60 -28.03 -6.57 -16.70
C LEU A 60 -29.21 -7.24 -17.40
N VAL A 61 -29.05 -8.51 -17.77
CA VAL A 61 -30.02 -9.18 -18.60
C VAL A 61 -30.45 -10.49 -17.94
N LYS A 62 -31.66 -10.94 -18.30
CA LYS A 62 -32.17 -12.19 -17.75
C LYS A 62 -31.47 -13.39 -18.36
N ASN A 63 -31.30 -13.40 -19.69
CA ASN A 63 -30.75 -14.57 -20.34
C ASN A 63 -29.86 -14.16 -21.51
N ASN A 64 -28.99 -15.09 -21.90
CA ASN A 64 -28.08 -14.93 -23.03
C ASN A 64 -27.17 -13.72 -22.84
N ALA A 65 -26.56 -13.65 -21.66
CA ALA A 65 -25.55 -12.65 -21.40
C ALA A 65 -24.33 -12.87 -22.30
N ASP A 66 -23.56 -11.81 -22.49
CA ASP A 66 -22.30 -11.90 -23.23
C ASP A 66 -21.18 -12.50 -22.39
N ILE A 67 -21.21 -12.29 -21.08
CA ILE A 67 -20.19 -12.79 -20.19
C ILE A 67 -20.74 -14.01 -19.46
N ILE A 68 -19.94 -15.07 -19.40
CA ILE A 68 -20.24 -16.28 -18.63
C ILE A 68 -19.23 -16.36 -17.49
N PHE A 69 -19.72 -16.40 -16.25
CA PHE A 69 -18.86 -16.58 -15.08
C PHE A 69 -18.87 -18.06 -14.67
N THR A 70 -17.68 -18.64 -14.55
CA THR A 70 -17.55 -20.02 -14.13
C THR A 70 -16.64 -20.13 -12.92
N GLU A 71 -16.80 -21.21 -12.17
CA GLU A 71 -16.06 -21.45 -10.93
C GLU A 71 -15.07 -22.57 -11.12
N ASP A 72 -13.82 -22.34 -10.72
CA ASP A 72 -12.79 -23.37 -10.82
C ASP A 72 -11.89 -23.20 -9.60
N ALA A 73 -12.11 -24.04 -8.58
CA ALA A 73 -11.39 -23.91 -7.32
C ALA A 73 -9.89 -24.03 -7.51
N SER A 74 -9.42 -24.66 -8.58
CA SER A 74 -7.98 -24.81 -8.77
C SER A 74 -7.30 -23.49 -9.12
N LEU A 75 -8.06 -22.45 -9.45
CA LEU A 75 -7.47 -21.13 -9.69
C LEU A 75 -7.23 -20.37 -8.40
N GLY A 76 -7.65 -20.91 -7.25
CA GLY A 76 -7.28 -20.33 -5.99
C GLY A 76 -7.87 -18.95 -5.72
N ARG A 77 -7.17 -18.21 -4.86
CA ARG A 77 -7.70 -16.94 -4.38
C ARG A 77 -7.69 -15.87 -5.46
N GLU A 78 -6.69 -15.90 -6.36
CA GLU A 78 -6.49 -14.80 -7.28
C GLU A 78 -6.25 -15.22 -8.74
N GLY A 79 -6.23 -16.53 -9.05
CA GLY A 79 -6.01 -16.94 -10.42
C GLY A 79 -7.28 -16.81 -11.26
N TYR A 80 -7.10 -16.78 -12.58
CA TYR A 80 -8.28 -16.71 -13.45
C TYR A 80 -7.93 -17.22 -14.83
N ARG A 81 -8.99 -17.53 -15.59
CA ARG A 81 -8.88 -17.79 -17.02
C ARG A 81 -9.80 -16.86 -17.78
N LEU A 82 -9.35 -16.45 -18.96
CA LEU A 82 -10.19 -15.73 -19.91
C LEU A 82 -10.24 -16.50 -21.21
N ALA A 83 -11.44 -16.59 -21.81
CA ALA A 83 -11.58 -17.05 -23.18
C ALA A 83 -12.56 -16.12 -23.87
N VAL A 84 -12.10 -15.46 -24.93
CA VAL A 84 -12.92 -14.54 -25.71
C VAL A 84 -13.09 -15.11 -27.11
N THR A 85 -14.33 -15.27 -27.53
CA THR A 85 -14.68 -15.62 -28.90
C THR A 85 -15.74 -14.64 -29.38
N PRO A 86 -16.08 -14.66 -30.68
CA PRO A 86 -17.17 -13.81 -31.14
C PRO A 86 -18.50 -14.07 -30.44
N ASP A 87 -18.68 -15.26 -29.84
CA ASP A 87 -19.94 -15.64 -29.24
C ASP A 87 -20.05 -15.28 -27.77
N SER A 88 -18.95 -15.30 -27.02
CA SER A 88 -19.06 -15.09 -25.58
C SER A 88 -17.70 -14.73 -25.00
N ILE A 89 -17.77 -14.14 -23.80
CA ILE A 89 -16.62 -13.87 -22.96
C ILE A 89 -16.76 -14.77 -21.75
N SER A 90 -15.85 -15.72 -21.59
CA SER A 90 -15.92 -16.67 -20.49
C SER A 90 -14.83 -16.34 -19.48
N ILE A 91 -15.23 -16.20 -18.21
CA ILE A 91 -14.31 -15.85 -17.13
C ILE A 91 -14.41 -16.93 -16.07
N ALA A 92 -13.29 -17.59 -15.78
CA ALA A 92 -13.21 -18.60 -14.74
C ALA A 92 -12.41 -18.07 -13.58
N SER A 93 -12.88 -18.30 -12.36
CA SER A 93 -12.07 -17.96 -11.19
C SER A 93 -12.41 -18.89 -10.03
N GLY A 94 -11.54 -18.85 -9.02
CA GLY A 94 -11.77 -19.61 -7.79
C GLY A 94 -12.31 -18.74 -6.68
N SER A 95 -12.30 -17.42 -6.90
CA SER A 95 -12.82 -16.48 -5.90
CA SER A 95 -12.79 -16.47 -5.89
C SER A 95 -13.17 -15.17 -6.61
N VAL A 96 -13.87 -14.31 -5.87
CA VAL A 96 -14.32 -13.04 -6.43
C VAL A 96 -13.13 -12.25 -6.98
N ASN A 97 -12.01 -12.26 -6.28
CA ASN A 97 -10.92 -11.39 -6.69
C ASN A 97 -10.29 -11.85 -8.00
N GLY A 98 -10.23 -13.17 -8.25
CA GLY A 98 -9.80 -13.64 -9.56
C GLY A 98 -10.69 -13.12 -10.68
N THR A 99 -12.00 -12.99 -10.41
CA THR A 99 -12.88 -12.42 -11.41
C THR A 99 -12.62 -10.93 -11.61
N LEU A 100 -12.34 -10.21 -10.53
CA LEU A 100 -11.97 -8.80 -10.68
C LEU A 100 -10.74 -8.66 -11.56
N TYR A 101 -9.75 -9.52 -11.35
CA TYR A 101 -8.52 -9.40 -12.13
C TYR A 101 -8.76 -9.80 -13.58
N ALA A 102 -9.60 -10.80 -13.81
CA ALA A 102 -9.98 -11.13 -15.19
C ALA A 102 -10.63 -9.95 -15.88
N LEU A 103 -11.55 -9.27 -15.18
CA LEU A 103 -12.24 -8.11 -15.75
C LEU A 103 -11.25 -6.98 -16.04
N GLN A 104 -10.26 -6.78 -15.16
CA GLN A 104 -9.31 -5.71 -15.43
C GLN A 104 -8.44 -6.05 -16.63
N SER A 105 -8.06 -7.33 -16.77
CA SER A 105 -7.32 -7.74 -17.95
C SER A 105 -8.16 -7.55 -19.22
N LEU A 106 -9.45 -7.84 -19.13
CA LEU A 106 -10.34 -7.69 -20.27
C LEU A 106 -10.38 -6.26 -20.78
N VAL A 107 -10.61 -5.30 -19.87
CA VAL A 107 -10.75 -3.92 -20.35
C VAL A 107 -9.43 -3.41 -20.90
N GLN A 108 -8.30 -3.95 -20.42
CA GLN A 108 -7.01 -3.58 -21.00
C GLN A 108 -6.66 -4.38 -22.23
N SER A 109 -7.60 -5.19 -22.72
CA SER A 109 -7.45 -5.89 -24.00
C SER A 109 -8.37 -5.31 -25.07
N ILE A 110 -9.09 -4.23 -24.75
CA ILE A 110 -9.98 -3.62 -25.72
C ILE A 110 -9.18 -2.97 -26.82
N ALA A 111 -9.57 -3.24 -28.07
CA ALA A 111 -8.87 -2.74 -29.24
C ALA A 111 -9.91 -2.30 -30.27
N ALA A 112 -9.45 -1.58 -31.30
CA ALA A 112 -10.34 -1.14 -32.36
C ALA A 112 -10.56 -2.25 -33.37
N ASP A 113 -11.78 -2.38 -33.86
CA ASP A 113 -12.08 -3.32 -34.92
C ASP A 113 -11.79 -2.66 -36.27
N LYS A 114 -12.24 -3.31 -37.36
CA LYS A 114 -12.05 -2.76 -38.70
C LYS A 114 -12.54 -1.31 -38.80
N ASN A 115 -13.69 -1.02 -38.22
CA ASN A 115 -14.34 0.28 -38.35
C ASN A 115 -14.04 1.21 -37.19
N GLY A 116 -13.03 0.90 -36.38
CA GLY A 116 -12.67 1.75 -35.26
C GLY A 116 -13.54 1.63 -34.04
N ALA A 117 -14.48 0.68 -34.02
CA ALA A 117 -15.33 0.47 -32.86
C ALA A 117 -14.62 -0.45 -31.85
N PRO A 118 -14.93 -0.33 -30.56
CA PRO A 118 -14.23 -1.14 -29.56
C PRO A 118 -14.56 -2.62 -29.70
N ALA A 119 -13.52 -3.44 -29.61
CA ALA A 119 -13.69 -4.89 -29.68
C ALA A 119 -12.66 -5.55 -28.77
N LEU A 120 -12.91 -6.83 -28.47
CA LEU A 120 -11.94 -7.67 -27.82
C LEU A 120 -11.41 -8.67 -28.82
N PRO A 121 -10.10 -8.88 -28.92
CA PRO A 121 -9.60 -9.89 -29.85
C PRO A 121 -9.95 -11.30 -29.38
N ARG A 122 -9.91 -12.24 -30.33
CA ARG A 122 -9.93 -13.65 -29.99
C ARG A 122 -8.69 -13.96 -29.14
N MET A 123 -8.90 -14.45 -27.92
CA MET A 123 -7.77 -14.58 -27.00
C MET A 123 -8.12 -15.57 -25.89
N ASP A 124 -7.08 -16.12 -25.30
CA ASP A 124 -7.18 -16.99 -24.12
C ASP A 124 -6.10 -16.59 -23.13
N VAL A 125 -6.46 -16.47 -21.86
CA VAL A 125 -5.53 -16.10 -20.81
C VAL A 125 -5.68 -17.08 -19.66
N LYS A 126 -4.55 -17.51 -19.11
CA LYS A 126 -4.52 -18.18 -17.81
C LYS A 126 -3.48 -17.44 -16.96
N ASP A 127 -3.90 -16.94 -15.80
CA ASP A 127 -3.08 -15.97 -15.10
C ASP A 127 -3.24 -16.14 -13.60
N GLN A 128 -2.15 -15.85 -12.88
CA GLN A 128 -2.10 -15.94 -11.42
C GLN A 128 -0.88 -15.14 -10.99
N PRO A 129 -0.87 -14.61 -9.77
CA PRO A 129 0.24 -13.75 -9.36
C PRO A 129 1.44 -14.53 -8.87
N ARG A 130 2.61 -13.94 -9.10
CA ARG A 130 3.83 -14.49 -8.54
C ARG A 130 3.85 -14.35 -7.02
N PHE A 131 3.45 -13.19 -6.50
CA PHE A 131 3.52 -12.89 -5.08
C PHE A 131 2.11 -12.69 -4.51
N SER A 132 1.90 -13.13 -3.26
CA SER A 132 0.58 -12.97 -2.65
C SER A 132 0.40 -11.60 -2.01
N TRP A 133 1.49 -10.89 -1.71
CA TRP A 133 1.42 -9.57 -1.11
C TRP A 133 1.87 -8.57 -2.18
N ARG A 134 0.94 -7.74 -2.65
CA ARG A 134 1.22 -6.75 -3.68
C ARG A 134 0.61 -5.44 -3.19
N GLY A 135 1.43 -4.55 -2.61
CA GLY A 135 0.92 -3.51 -1.75
C GLY A 135 1.37 -2.10 -2.10
N LEU A 136 0.59 -1.15 -1.60
CA LEU A 136 1.00 0.24 -1.42
C LEU A 136 0.74 0.62 0.03
N MET A 137 1.60 1.47 0.59
CA MET A 137 1.38 2.02 1.93
C MET A 137 1.03 3.50 1.81
N VAL A 138 -0.11 3.88 2.38
CA VAL A 138 -0.52 5.28 2.45
C VAL A 138 -0.19 5.83 3.83
N ASP A 139 0.57 6.93 3.88
CA ASP A 139 0.92 7.67 5.10
C ASP A 139 -0.10 8.79 5.26
N SER A 140 -1.05 8.61 6.19
CA SER A 140 -2.07 9.60 6.49
C SER A 140 -1.68 10.51 7.64
N CYS A 141 -0.46 10.35 8.17
CA CYS A 141 -0.03 11.11 9.34
C CYS A 141 0.67 12.41 8.98
N ARG A 142 1.62 12.33 8.06
CA ARG A 142 2.36 13.53 7.70
C ARG A 142 1.44 14.51 6.98
N HIS A 143 0.72 14.02 5.96
CA HIS A 143 -0.48 14.68 5.49
C HIS A 143 -1.58 13.64 5.36
N MET A 144 -2.81 14.10 5.54
CA MET A 144 -3.96 13.21 5.56
C MET A 144 -4.75 13.37 4.27
N MET A 145 -5.13 12.26 3.66
CA MET A 145 -5.99 12.42 2.50
CA MET A 145 -5.99 12.47 2.52
C MET A 145 -7.42 12.02 2.86
N PRO A 146 -8.41 12.71 2.32
CA PRO A 146 -9.80 12.36 2.65
C PRO A 146 -10.21 11.05 2.01
N VAL A 147 -11.31 10.52 2.53
CA VAL A 147 -11.81 9.21 2.07
C VAL A 147 -12.02 9.20 0.56
N ARG A 148 -12.60 10.28 0.01
CA ARG A 148 -12.89 10.26 -1.42
C ARG A 148 -11.63 10.14 -2.25
N ASP A 149 -10.51 10.67 -1.75
CA ASP A 149 -9.24 10.53 -2.47
C ASP A 149 -8.66 9.13 -2.29
N ILE A 150 -8.76 8.57 -1.08
CA ILE A 150 -8.33 7.19 -0.88
C ILE A 150 -9.10 6.26 -1.80
N LYS A 151 -10.38 6.56 -2.06
CA LYS A 151 -11.16 5.69 -2.92
C LYS A 151 -10.66 5.75 -4.36
N LYS A 152 -10.23 6.92 -4.82
CA LYS A 152 -9.64 7.02 -6.15
C LYS A 152 -8.36 6.19 -6.24
N VAL A 153 -7.54 6.23 -5.18
CA VAL A 153 -6.34 5.39 -5.08
C VAL A 153 -6.70 3.91 -5.18
N LEU A 154 -7.73 3.49 -4.43
CA LEU A 154 -8.08 2.08 -4.40
C LEU A 154 -8.60 1.60 -5.75
N ASP A 155 -9.33 2.45 -6.48
CA ASP A 155 -9.74 2.10 -7.85
C ASP A 155 -8.54 1.81 -8.74
N LEU A 156 -7.50 2.65 -8.64
CA LEU A 156 -6.33 2.43 -9.48
C LEU A 156 -5.52 1.23 -8.99
N MET A 157 -5.50 0.98 -7.67
CA MET A 157 -4.82 -0.21 -7.17
C MET A 157 -5.44 -1.48 -7.73
N GLU A 158 -6.78 -1.55 -7.74
CA GLU A 158 -7.45 -2.72 -8.32
C GLU A 158 -7.13 -2.88 -9.80
N ARG A 159 -7.09 -1.76 -10.54
CA ARG A 159 -6.81 -1.86 -11.97
C ARG A 159 -5.50 -2.58 -12.23
N TYR A 160 -4.48 -2.33 -11.42
CA TYR A 160 -3.18 -2.95 -11.63
C TYR A 160 -2.94 -4.12 -10.67
N LYS A 161 -4.03 -4.66 -10.09
CA LYS A 161 -4.05 -5.93 -9.36
C LYS A 161 -3.27 -5.88 -8.05
N PHE A 162 -3.07 -4.69 -7.49
CA PHE A 162 -2.63 -4.58 -6.11
C PHE A 162 -3.71 -5.14 -5.17
N ASN A 163 -3.28 -5.87 -4.14
CA ASN A 163 -4.27 -6.48 -3.24
C ASN A 163 -4.12 -6.06 -1.79
N THR A 164 -3.22 -5.13 -1.48
CA THR A 164 -2.96 -4.77 -0.08
C THR A 164 -2.78 -3.27 0.04
N LEU A 165 -3.53 -2.64 0.95
CA LEU A 165 -3.35 -1.25 1.35
C LEU A 165 -2.84 -1.24 2.79
N HIS A 166 -1.57 -0.89 2.97
CA HIS A 166 -0.99 -0.72 4.29
C HIS A 166 -1.27 0.71 4.72
N TRP A 167 -2.06 0.87 5.78
CA TRP A 167 -2.55 2.18 6.19
C TRP A 167 -1.74 2.64 7.40
N HIS A 168 -0.80 3.55 7.17
CA HIS A 168 0.07 4.10 8.20
C HIS A 168 -0.71 5.20 8.91
N LEU A 169 -1.29 4.88 10.07
CA LEU A 169 -2.31 5.72 10.67
C LEU A 169 -1.86 6.50 11.90
N THR A 170 -0.65 6.26 12.43
CA THR A 170 -0.18 6.99 13.62
C THR A 170 1.31 7.29 13.48
N ASP A 171 1.71 8.49 13.88
CA ASP A 171 3.12 8.86 13.82
C ASP A 171 3.35 10.06 14.75
N ASP A 172 4.48 10.73 14.56
CA ASP A 172 4.85 11.82 15.46
C ASP A 172 4.03 13.07 15.23
N GLN A 173 3.61 13.31 13.99
CA GLN A 173 2.97 14.55 13.56
C GLN A 173 1.47 14.43 13.45
N GLY A 174 0.89 13.30 13.85
CA GLY A 174 -0.54 13.15 13.84
C GLY A 174 -0.93 11.70 14.12
N TRP A 175 -2.05 11.53 14.82
CA TRP A 175 -2.66 10.23 15.07
C TRP A 175 -4.04 10.28 14.44
N ARG A 176 -4.32 9.38 13.50
CA ARG A 176 -5.54 9.46 12.69
C ARG A 176 -6.54 8.35 13.01
N LEU A 177 -6.19 7.40 13.88
CA LEU A 177 -6.97 6.20 14.14
C LEU A 177 -7.96 6.44 15.28
N PRO A 178 -9.27 6.34 15.06
CA PRO A 178 -10.23 6.64 16.15
C PRO A 178 -10.26 5.50 17.15
N ILE A 179 -10.00 5.82 18.42
CA ILE A 179 -10.04 4.85 19.52
C ILE A 179 -11.04 5.39 20.53
N ALA A 180 -12.19 4.73 20.66
CA ALA A 180 -13.27 5.28 21.48
C ALA A 180 -12.85 5.44 22.94
N LYS A 181 -12.06 4.49 23.46
CA LYS A 181 -11.74 4.53 24.88
C LYS A 181 -10.75 5.64 25.21
N TYR A 182 -9.98 6.11 24.24
CA TYR A 182 -8.97 7.14 24.44
C TYR A 182 -9.18 8.25 23.42
N PRO A 183 -10.22 9.06 23.62
CA PRO A 183 -10.58 10.05 22.59
C PRO A 183 -9.53 11.12 22.36
N ARG A 184 -8.65 11.39 23.32
CA ARG A 184 -7.62 12.41 23.09
C ARG A 184 -6.62 11.99 22.03
N LEU A 185 -6.51 10.70 21.72
CA LEU A 185 -5.58 10.32 20.66
C LEU A 185 -5.90 11.05 19.37
N THR A 186 -7.17 11.25 19.06
CA THR A 186 -7.52 12.03 17.88
C THR A 186 -7.81 13.50 18.17
N THR A 187 -8.43 13.85 19.30
CA THR A 187 -8.76 15.25 19.52
C THR A 187 -7.52 16.08 19.83
N VAL A 188 -6.55 15.50 20.52
CA VAL A 188 -5.26 16.14 20.77
C VAL A 188 -4.20 15.62 19.82
N GLY A 189 -4.06 14.30 19.72
CA GLY A 189 -3.02 13.75 18.86
C GLY A 189 -3.26 13.91 17.37
N GLY A 190 -4.47 14.27 16.97
CA GLY A 190 -4.75 14.53 15.58
C GLY A 190 -4.43 15.93 15.12
N ALA A 191 -3.89 16.77 16.00
CA ALA A 191 -3.66 18.18 15.70
C ALA A 191 -2.23 18.56 16.01
N ARG A 192 -1.58 19.25 15.06
CA ARG A 192 -0.28 19.86 15.31
C ARG A 192 -0.41 21.37 15.07
N ALA A 193 0.47 22.12 15.71
CA ALA A 193 0.32 23.58 15.68
C ALA A 193 0.80 24.20 14.38
N GLN A 194 1.63 23.50 13.61
CA GLN A 194 2.15 24.02 12.35
C GLN A 194 2.86 22.87 11.62
N SER A 195 3.28 23.14 10.40
CA SER A 195 4.00 22.22 9.53
C SER A 195 5.19 22.94 8.92
N PRO A 196 6.19 22.21 8.45
CA PRO A 196 7.32 22.89 7.78
C PRO A 196 6.87 23.64 6.55
N VAL A 197 7.42 24.83 6.36
CA VAL A 197 7.08 25.65 5.20
C VAL A 197 7.43 24.90 3.93
N ILE A 198 6.50 24.90 2.97
CA ILE A 198 6.76 24.27 1.69
C ILE A 198 7.82 25.09 0.95
N GLY A 199 8.92 24.44 0.59
CA GLY A 199 10.06 25.11 0.00
C GLY A 199 11.06 25.64 0.99
N ASN A 200 10.78 25.55 2.28
CA ASN A 200 11.64 26.07 3.35
C ASN A 200 11.43 25.16 4.57
N ARG A 201 11.86 23.90 4.44
CA ARG A 201 11.51 22.86 5.42
C ARG A 201 12.09 23.12 6.80
N ASN A 202 13.11 23.96 6.92
CA ASN A 202 13.71 24.23 8.23
C ASN A 202 12.98 25.31 9.01
N LYS A 203 11.81 25.75 8.54
CA LYS A 203 11.03 26.81 9.14
C LYS A 203 9.57 26.34 9.27
N GLY A 204 8.90 26.78 10.33
CA GLY A 204 7.49 26.42 10.52
C GLY A 204 6.54 27.44 9.89
N ASP A 205 5.38 26.94 9.44
CA ASP A 205 4.45 27.79 8.69
C ASP A 205 3.41 28.48 9.56
N GLY A 206 3.38 28.20 10.87
CA GLY A 206 2.44 28.80 11.80
C GLY A 206 0.98 28.47 11.58
N ILE A 207 0.66 27.44 10.82
CA ILE A 207 -0.72 27.10 10.46
CA ILE A 207 -0.72 27.11 10.46
C ILE A 207 -1.04 25.74 11.07
N PRO A 208 -1.99 25.65 12.00
CA PRO A 208 -2.34 24.34 12.55
C PRO A 208 -2.88 23.42 11.47
N TYR A 209 -2.58 22.12 11.64
CA TYR A 209 -2.98 21.08 10.71
C TYR A 209 -3.54 19.94 11.52
N SER A 210 -4.79 19.55 11.25
CA SER A 210 -5.43 18.55 12.09
C SER A 210 -6.36 17.67 11.27
N GLY A 211 -6.65 16.50 11.81
CA GLY A 211 -7.70 15.65 11.28
C GLY A 211 -7.54 14.23 11.76
N HIS A 212 -8.62 13.46 11.58
CA HIS A 212 -8.60 12.02 11.79
C HIS A 212 -9.74 11.42 11.00
N TYR A 213 -9.70 10.09 10.84
CA TYR A 213 -10.82 9.36 10.24
C TYR A 213 -11.79 8.92 11.32
N THR A 214 -13.09 9.13 11.07
CA THR A 214 -14.05 8.62 12.03
C THR A 214 -14.14 7.10 11.92
N ALA A 215 -14.75 6.46 12.92
CA ALA A 215 -14.84 5.01 12.87
C ALA A 215 -15.62 4.55 11.65
N ASP A 216 -16.69 5.28 11.28
CA ASP A 216 -17.43 4.87 10.09
C ASP A 216 -16.62 5.09 8.81
N GLU A 217 -15.72 6.09 8.80
CA GLU A 217 -14.84 6.27 7.65
C GLU A 217 -13.82 5.15 7.54
N ILE A 218 -13.23 4.72 8.67
CA ILE A 218 -12.32 3.57 8.64
C ILE A 218 -13.03 2.37 8.04
N ARG A 219 -14.22 2.06 8.57
CA ARG A 219 -14.92 0.86 8.12
C ARG A 219 -15.35 0.98 6.66
N ASP A 220 -15.69 2.19 6.23
CA ASP A 220 -16.07 2.42 4.83
C ASP A 220 -14.88 2.18 3.90
N VAL A 221 -13.71 2.69 4.26
CA VAL A 221 -12.54 2.45 3.43
C VAL A 221 -12.24 0.96 3.35
N VAL A 222 -12.31 0.26 4.49
CA VAL A 222 -11.99 -1.16 4.51
C VAL A 222 -12.95 -1.94 3.61
N ARG A 223 -14.24 -1.61 3.67
CA ARG A 223 -15.26 -2.28 2.86
C ARG A 223 -15.07 -1.96 1.39
N TYR A 224 -14.85 -0.68 1.06
CA TYR A 224 -14.65 -0.27 -0.32
C TYR A 224 -13.46 -1.00 -0.92
N ALA A 225 -12.36 -1.07 -0.17
CA ALA A 225 -11.18 -1.80 -0.60
C ALA A 225 -11.51 -3.29 -0.80
N ARG A 226 -12.20 -3.89 0.16
CA ARG A 226 -12.53 -5.31 0.06
C ARG A 226 -13.32 -5.61 -1.20
N ASP A 227 -14.26 -4.72 -1.56
CA ASP A 227 -15.03 -4.88 -2.80
C ASP A 227 -14.16 -4.81 -4.04
N ARG A 228 -12.94 -4.28 -3.91
CA ARG A 228 -11.99 -4.18 -5.02
C ARG A 228 -10.80 -5.13 -4.82
N GLY A 229 -10.97 -6.15 -4.00
CA GLY A 229 -9.99 -7.20 -3.85
C GLY A 229 -8.83 -6.85 -2.95
N ILE A 230 -8.93 -5.75 -2.21
CA ILE A 230 -7.82 -5.19 -1.46
C ILE A 230 -8.07 -5.36 0.03
N THR A 231 -7.09 -5.93 0.72
CA THR A 231 -7.10 -6.03 2.18
C THR A 231 -6.40 -4.83 2.77
N VAL A 232 -7.07 -4.12 3.68
CA VAL A 232 -6.47 -2.98 4.37
C VAL A 232 -5.81 -3.50 5.64
N ILE A 233 -4.52 -3.24 5.78
CA ILE A 233 -3.76 -3.64 6.96
CA ILE A 233 -3.73 -3.64 6.94
C ILE A 233 -3.39 -2.38 7.73
N PRO A 234 -3.82 -2.24 8.99
CA PRO A 234 -3.52 -1.04 9.76
C PRO A 234 -2.15 -1.07 10.41
N GLU A 235 -1.53 0.11 10.53
CA GLU A 235 -0.30 0.25 11.30
C GLU A 235 -0.50 1.25 12.44
N VAL A 236 -0.19 0.82 13.65
CA VAL A 236 -0.03 1.70 14.79
C VAL A 236 1.43 1.63 15.22
N GLU A 237 2.11 2.77 15.19
CA GLU A 237 3.55 2.84 15.42
C GLU A 237 3.91 2.72 16.90
N MET A 238 4.84 1.83 17.21
CA MET A 238 5.42 1.68 18.54
C MET A 238 6.76 0.96 18.39
N PRO A 239 7.69 1.14 19.34
CA PRO A 239 7.62 2.03 20.49
C PRO A 239 8.01 3.46 20.13
N GLY A 240 8.54 3.66 18.93
CA GLY A 240 8.90 4.98 18.45
C GLY A 240 7.79 5.58 17.61
N HIS A 241 8.09 6.72 16.99
CA HIS A 241 7.10 7.43 16.17
C HIS A 241 5.81 7.62 16.95
N ALA A 242 5.95 7.95 18.23
CA ALA A 242 4.85 7.92 19.17
C ALA A 242 4.51 9.28 19.76
N SER A 243 5.03 10.37 19.19
CA SER A 243 4.90 11.65 19.88
C SER A 243 3.46 12.10 19.99
N ALA A 244 2.63 11.80 18.99
CA ALA A 244 1.26 12.30 19.02
C ALA A 244 0.46 11.60 20.11
N ALA A 245 0.62 10.27 20.24
CA ALA A 245 -0.07 9.55 21.30
C ALA A 245 0.40 10.02 22.68
N ILE A 246 1.70 10.26 22.81
CA ILE A 246 2.24 10.67 24.11
C ILE A 246 1.83 12.10 24.44
N ALA A 247 1.73 12.97 23.43
CA ALA A 247 1.20 14.31 23.68
C ALA A 247 -0.23 14.26 24.19
N ALA A 248 -1.04 13.34 23.64
CA ALA A 248 -2.41 13.18 24.09
C ALA A 248 -2.46 12.65 25.53
N TYR A 249 -1.63 11.66 25.86
CA TYR A 249 -1.58 11.04 27.18
C TYR A 249 -0.13 10.98 27.61
N PRO A 250 0.38 12.05 28.24
CA PRO A 250 1.81 12.11 28.60
C PRO A 250 2.26 10.99 29.52
N GLU A 251 1.36 10.35 30.26
CA GLU A 251 1.74 9.23 31.10
C GLU A 251 2.20 8.03 30.29
N LEU A 252 1.95 7.98 28.98
CA LEU A 252 2.41 6.87 28.17
C LEU A 252 3.87 7.00 27.76
N GLY A 253 4.50 8.15 28.00
CA GLY A 253 5.90 8.35 27.67
C GLY A 253 6.82 8.17 28.85
N ASN A 254 8.10 8.46 28.63
CA ASN A 254 9.14 8.27 29.63
C ASN A 254 9.20 9.52 30.51
N THR A 255 8.24 9.61 31.43
CA THR A 255 7.98 10.87 32.12
C THR A 255 9.10 11.30 33.05
N ASP A 256 10.00 10.38 33.43
CA ASP A 256 11.02 10.69 34.43
C ASP A 256 12.35 11.13 33.83
N ILE A 257 12.39 11.42 32.53
CA ILE A 257 13.64 11.87 31.91
C ILE A 257 13.77 13.38 32.08
N PRO A 258 14.99 13.92 32.03
CA PRO A 258 15.15 15.38 32.08
C PRO A 258 14.54 16.04 30.86
N GLY A 259 13.83 17.15 31.09
CA GLY A 259 13.29 17.93 29.99
C GLY A 259 12.17 17.25 29.24
N TYR A 260 11.34 16.49 29.95
CA TYR A 260 10.20 15.77 29.33
C TYR A 260 9.16 16.78 28.89
N GLU A 261 8.98 16.95 27.57
CA GLU A 261 8.03 17.92 27.01
CA GLU A 261 8.02 17.90 27.01
C GLU A 261 7.42 17.34 25.73
N PRO A 262 6.52 16.36 25.86
CA PRO A 262 5.90 15.80 24.65
C PRO A 262 5.01 16.81 23.95
N ARG A 263 4.89 16.63 22.63
CA ARG A 263 4.01 17.45 21.82
C ARG A 263 3.77 16.71 20.51
N VAL A 264 2.65 17.02 19.87
CA VAL A 264 2.49 16.57 18.48
C VAL A 264 3.52 17.32 17.65
N GLN A 265 4.40 16.58 16.98
CA GLN A 265 5.55 17.21 16.38
C GLN A 265 5.18 18.00 15.12
N GLU A 266 5.96 19.04 14.87
CA GLU A 266 5.73 19.99 13.79
C GLU A 266 6.79 19.89 12.71
N THR A 267 7.77 19.02 12.90
CA THR A 267 8.92 18.91 12.02
C THR A 267 9.05 17.47 11.57
N TRP A 268 9.67 17.29 10.41
CA TRP A 268 9.90 15.97 9.86
C TRP A 268 11.15 15.33 10.47
N GLY A 269 11.33 14.05 10.19
CA GLY A 269 12.51 13.33 10.64
C GLY A 269 12.22 12.44 11.83
N VAL A 270 13.30 11.93 12.43
CA VAL A 270 13.19 11.01 13.56
C VAL A 270 13.04 11.81 14.85
N HIS A 271 12.09 11.42 15.69
CA HIS A 271 11.86 12.06 16.97
C HIS A 271 12.18 11.09 18.10
N SER A 272 12.37 11.64 19.30
CA SER A 272 12.92 10.88 20.41
CA SER A 272 12.92 10.87 20.41
C SER A 272 11.88 10.36 21.40
N TYR A 273 10.61 10.75 21.26
CA TYR A 273 9.62 10.36 22.26
C TYR A 273 9.13 8.93 21.97
N THR A 274 9.46 8.02 22.87
CA THR A 274 9.08 6.62 22.77
C THR A 274 8.12 6.26 23.90
N PHE A 275 7.31 5.24 23.67
CA PHE A 275 6.46 4.73 24.74
C PHE A 275 7.31 4.18 25.88
N SER A 276 6.84 4.37 27.11
CA SER A 276 7.48 3.74 28.26
C SER A 276 7.11 2.25 28.30
N PRO A 277 8.03 1.40 28.76
CA PRO A 277 7.80 -0.04 28.77
C PRO A 277 7.14 -0.51 30.06
N THR A 278 6.08 0.17 30.47
CA THR A 278 5.44 -0.05 31.75
C THR A 278 4.16 -0.89 31.62
N GLU A 279 3.71 -1.45 32.75
CA GLU A 279 2.44 -2.19 32.74
C GLU A 279 1.30 -1.32 32.24
N LYS A 280 1.27 -0.05 32.64
CA LYS A 280 0.20 0.85 32.21
C LYS A 280 0.22 1.04 30.69
N THR A 281 1.41 1.21 30.11
CA THR A 281 1.48 1.38 28.66
C THR A 281 1.03 0.10 27.96
N PHE A 282 1.40 -1.06 28.48
CA PHE A 282 0.96 -2.29 27.83
C PHE A 282 -0.54 -2.48 27.97
N ARG A 283 -1.16 -2.03 29.07
CA ARG A 283 -2.62 -2.10 29.15
C ARG A 283 -3.27 -1.18 28.13
N PHE A 284 -2.72 0.01 27.93
CA PHE A 284 -3.22 0.95 26.93
C PHE A 284 -3.11 0.33 25.54
N LEU A 285 -1.93 -0.21 25.23
CA LEU A 285 -1.73 -0.81 23.91
C LEU A 285 -2.68 -1.96 23.68
N GLU A 286 -2.96 -2.76 24.72
CA GLU A 286 -3.88 -3.87 24.52
C GLU A 286 -5.28 -3.37 24.20
N ASP A 287 -5.70 -2.27 24.85
CA ASP A 287 -7.01 -1.69 24.53
C ASP A 287 -7.04 -1.14 23.12
N VAL A 288 -5.93 -0.52 22.68
CA VAL A 288 -5.86 0.00 21.32
C VAL A 288 -5.92 -1.15 20.32
N ILE A 289 -5.12 -2.18 20.56
CA ILE A 289 -5.15 -3.35 19.67
CA ILE A 289 -5.15 -3.36 19.69
C ILE A 289 -6.56 -3.95 19.62
N ASP A 290 -7.24 -4.00 20.76
CA ASP A 290 -8.60 -4.53 20.74
C ASP A 290 -9.50 -3.72 19.82
N GLU A 291 -9.43 -2.39 19.87
CA GLU A 291 -10.27 -1.59 18.99
C GLU A 291 -9.82 -1.70 17.53
N ILE A 292 -8.51 -1.85 17.29
CA ILE A 292 -8.06 -2.07 15.92
C ILE A 292 -8.66 -3.37 15.36
N CYS A 293 -8.70 -4.42 16.18
CA CYS A 293 -9.31 -5.67 15.71
C CYS A 293 -10.79 -5.51 15.40
N ALA A 294 -11.48 -4.62 16.11
CA ALA A 294 -12.88 -4.36 15.81
C ALA A 294 -13.07 -3.56 14.53
N LEU A 295 -12.14 -2.63 14.24
CA LEU A 295 -12.21 -1.83 13.02
C LEU A 295 -11.74 -2.58 11.79
N PHE A 296 -10.82 -3.53 11.96
CA PHE A 296 -10.21 -4.27 10.85
C PHE A 296 -10.35 -5.76 11.09
N PRO A 297 -11.59 -6.25 11.19
CA PRO A 297 -11.77 -7.64 11.67
C PRO A 297 -11.26 -8.69 10.71
N ASP A 298 -11.12 -8.36 9.42
CA ASP A 298 -10.64 -9.33 8.44
C ASP A 298 -9.17 -9.18 8.10
N SER A 299 -8.49 -8.22 8.70
CA SER A 299 -7.06 -8.06 8.42
C SER A 299 -6.27 -9.19 9.05
N PRO A 300 -5.46 -9.93 8.28
CA PRO A 300 -4.67 -11.01 8.88
C PRO A 300 -3.55 -10.51 9.76
N TYR A 301 -3.21 -9.23 9.67
CA TYR A 301 -2.04 -8.65 10.33
C TYR A 301 -2.43 -7.39 11.06
N ILE A 302 -1.68 -7.09 12.12
CA ILE A 302 -1.57 -5.73 12.63
C ILE A 302 -0.11 -5.34 12.53
N HIS A 303 0.15 -4.22 11.86
CA HIS A 303 1.51 -3.67 11.75
C HIS A 303 1.75 -2.78 12.97
N ILE A 304 2.83 -3.05 13.71
CA ILE A 304 3.10 -2.29 14.92
C ILE A 304 4.25 -1.32 14.74
N GLY A 305 4.68 -1.07 13.50
CA GLY A 305 5.82 -0.20 13.29
C GLY A 305 7.10 -0.87 13.72
N GLY A 306 7.74 -0.34 14.76
CA GLY A 306 9.01 -0.87 15.22
C GLY A 306 10.22 -0.19 14.64
N ASP A 307 10.04 0.77 13.72
CA ASP A 307 11.16 1.44 13.06
C ASP A 307 11.63 2.66 13.84
N GLU A 308 12.94 2.91 13.76
CA GLU A 308 13.52 4.19 14.12
C GLU A 308 13.12 4.61 15.54
N ALA A 309 13.28 3.70 16.50
CA ALA A 309 12.97 4.06 17.88
C ALA A 309 14.27 4.34 18.63
N PRO A 310 14.63 5.60 18.84
CA PRO A 310 15.92 5.90 19.48
C PRO A 310 15.89 5.46 20.94
N LYS A 311 17.00 4.89 21.39
CA LYS A 311 17.05 4.29 22.71
C LYS A 311 17.38 5.28 23.82
N ASN A 312 17.67 6.55 23.50
CA ASN A 312 18.21 7.45 24.51
CA ASN A 312 18.20 7.48 24.51
C ASN A 312 17.22 7.71 25.65
N GLN A 313 15.94 7.91 25.33
CA GLN A 313 14.98 8.17 26.42
C GLN A 313 14.93 7.00 27.39
N TRP A 314 14.97 5.76 26.87
CA TRP A 314 14.97 4.61 27.77
C TRP A 314 16.25 4.58 28.61
N LYS A 315 17.39 4.94 28.02
CA LYS A 315 18.63 5.01 28.79
C LYS A 315 18.53 6.00 29.93
N GLN A 316 17.82 7.10 29.71
CA GLN A 316 17.72 8.19 30.68
C GLN A 316 16.58 8.01 31.67
N SER A 317 15.83 6.92 31.59
CA SER A 317 14.62 6.74 32.38
C SER A 317 14.83 5.68 33.46
N PRO A 318 14.91 6.06 34.73
CA PRO A 318 14.99 5.03 35.78
C PRO A 318 13.87 4.01 35.71
N THR A 319 12.66 4.43 35.33
CA THR A 319 11.55 3.47 35.18
C THR A 319 11.92 2.40 34.16
N ALA A 320 12.45 2.80 33.00
CA ALA A 320 12.79 1.82 31.98
C ALA A 320 13.94 0.94 32.41
N GLN A 321 14.93 1.53 33.10
CA GLN A 321 16.06 0.72 33.57
C GLN A 321 15.62 -0.34 34.56
N ARG A 322 14.62 -0.03 35.40
CA ARG A 322 14.14 -1.00 36.37
C ARG A 322 13.35 -2.13 35.68
N VAL A 323 12.55 -1.79 34.65
CA VAL A 323 11.89 -2.83 33.87
C VAL A 323 12.92 -3.77 33.23
N MET A 324 14.03 -3.22 32.74
CA MET A 324 15.09 -4.06 32.18
C MET A 324 15.65 -5.01 33.23
N LYS A 325 15.94 -4.49 34.43
CA LYS A 325 16.47 -5.35 35.48
C LYS A 325 15.45 -6.42 35.90
N ASP A 326 14.17 -6.03 36.01
CA ASP A 326 13.13 -6.98 36.38
C ASP A 326 13.09 -8.17 35.43
N ASN A 327 13.40 -7.93 34.16
CA ASN A 327 13.18 -8.90 33.10
C ASN A 327 14.48 -9.43 32.52
N GLY A 328 15.60 -9.20 33.20
CA GLY A 328 16.88 -9.77 32.77
C GLY A 328 17.30 -9.28 31.41
N LEU A 329 17.00 -8.03 31.08
CA LEU A 329 17.32 -7.44 29.79
C LEU A 329 18.62 -6.66 29.89
N ALA A 330 19.58 -6.99 29.02
CA ALA A 330 20.94 -6.47 29.15
C ALA A 330 21.08 -5.05 28.62
N ASN A 331 20.25 -4.64 27.67
CA ASN A 331 20.40 -3.34 27.04
C ASN A 331 19.05 -2.92 26.47
N GLU A 332 19.01 -1.72 25.89
CA GLU A 332 17.76 -1.17 25.39
C GLU A 332 17.31 -1.81 24.09
N HIS A 333 18.22 -2.46 23.34
CA HIS A 333 17.77 -3.27 22.23
C HIS A 333 16.95 -4.46 22.71
N GLU A 334 17.42 -5.14 23.77
CA GLU A 334 16.63 -6.22 24.35
C GLU A 334 15.34 -5.68 24.95
N LEU A 335 15.36 -4.45 25.47
CA LEU A 335 14.13 -3.82 25.94
C LEU A 335 13.14 -3.66 24.79
N GLN A 336 13.61 -3.22 23.62
CA GLN A 336 12.71 -3.11 22.49
C GLN A 336 12.14 -4.46 22.09
N SER A 337 12.99 -5.50 22.04
CA SER A 337 12.51 -6.82 21.68
CA SER A 337 12.50 -6.82 21.69
C SER A 337 11.44 -7.30 22.67
N TYR A 338 11.66 -7.04 23.96
CA TYR A 338 10.69 -7.39 24.99
C TYR A 338 9.36 -6.69 24.76
N PHE A 339 9.41 -5.37 24.52
CA PHE A 339 8.23 -4.58 24.19
C PHE A 339 7.44 -5.20 23.05
N ILE A 340 8.13 -5.53 21.95
CA ILE A 340 7.45 -6.06 20.78
CA ILE A 340 7.45 -6.06 20.77
C ILE A 340 6.90 -7.45 21.05
N ARG A 341 7.62 -8.26 21.84
CA ARG A 341 7.13 -9.59 22.19
C ARG A 341 5.82 -9.51 22.95
N ARG A 342 5.72 -8.56 23.90
CA ARG A 342 4.49 -8.46 24.69
C ARG A 342 3.33 -8.02 23.82
N VAL A 343 3.58 -7.10 22.89
CA VAL A 343 2.52 -6.67 21.99
C VAL A 343 2.14 -7.79 21.03
N GLU A 344 3.11 -8.62 20.61
CA GLU A 344 2.78 -9.72 19.71
C GLU A 344 1.76 -10.65 20.35
N LYS A 345 1.90 -10.90 21.66
CA LYS A 345 0.94 -11.76 22.35
CA LYS A 345 0.94 -11.76 22.34
C LYS A 345 -0.46 -11.17 22.28
N MET A 346 -0.59 -9.86 22.42
CA MET A 346 -1.89 -9.21 22.31
C MET A 346 -2.51 -9.47 20.96
N ILE A 347 -1.70 -9.36 19.91
CA ILE A 347 -2.18 -9.52 18.55
C ILE A 347 -2.54 -10.97 18.28
N ASN A 348 -1.65 -11.89 18.69
CA ASN A 348 -1.91 -13.33 18.52
C ASN A 348 -3.14 -13.78 19.29
N ASN A 349 -3.36 -13.22 20.48
CA ASN A 349 -4.51 -13.63 21.27
C ASN A 349 -5.81 -13.25 20.60
N ARG A 350 -5.78 -12.33 19.63
CA ARG A 350 -6.96 -11.97 18.87
CA ARG A 350 -6.95 -11.97 18.86
C ARG A 350 -6.97 -12.60 17.48
N GLY A 351 -6.10 -13.59 17.24
CA GLY A 351 -6.14 -14.35 16.01
C GLY A 351 -5.49 -13.68 14.82
N LYS A 352 -4.63 -12.70 15.04
CA LYS A 352 -3.92 -12.04 13.95
C LYS A 352 -2.43 -12.24 14.12
N ARG A 353 -1.69 -11.84 13.09
CA ARG A 353 -0.24 -11.93 13.06
C ARG A 353 0.38 -10.54 13.15
N LEU A 354 1.53 -10.47 13.79
CA LEU A 354 2.28 -9.22 13.89
C LEU A 354 3.16 -9.05 12.66
N ILE A 355 3.18 -7.84 12.13
CA ILE A 355 4.18 -7.44 11.15
C ILE A 355 4.82 -6.15 11.66
N GLY A 356 6.11 -6.00 11.39
CA GLY A 356 6.83 -4.80 11.80
C GLY A 356 7.97 -4.52 10.85
N TRP A 357 8.46 -3.29 10.89
CA TRP A 357 9.64 -2.90 10.13
C TRP A 357 10.86 -3.69 10.59
N ASP A 358 11.87 -3.78 9.71
CA ASP A 358 12.95 -4.74 9.95
C ASP A 358 13.79 -4.41 11.19
N GLU A 359 13.59 -3.24 11.82
CA GLU A 359 14.22 -3.01 13.13
C GLU A 359 13.71 -3.93 14.22
N ILE A 360 12.64 -4.71 13.97
CA ILE A 360 12.12 -5.56 15.04
C ILE A 360 13.02 -6.74 15.34
N GLN A 361 14.09 -6.97 14.55
CA GLN A 361 15.07 -7.98 14.93
C GLN A 361 16.02 -7.52 16.02
N GLU A 362 16.02 -6.23 16.37
CA GLU A 362 16.90 -5.72 17.41
C GLU A 362 16.62 -6.42 18.74
N GLY A 363 17.68 -6.94 19.36
CA GLY A 363 17.58 -7.72 20.58
C GLY A 363 16.92 -9.08 20.42
N GLY A 364 16.65 -9.51 19.19
CA GLY A 364 16.02 -10.80 18.98
C GLY A 364 14.74 -10.70 18.19
N LEU A 365 14.72 -11.34 17.03
CA LEU A 365 13.56 -11.37 16.15
C LEU A 365 12.64 -12.51 16.57
N SER A 366 11.41 -12.19 16.96
CA SER A 366 10.48 -13.22 17.39
C SER A 366 10.30 -14.25 16.28
N PRO A 367 10.23 -15.54 16.62
CA PRO A 367 10.12 -16.56 15.57
C PRO A 367 8.83 -16.48 14.77
N THR A 368 7.82 -15.75 15.25
CA THR A 368 6.52 -15.74 14.57
C THR A 368 6.19 -14.41 13.90
N ALA A 369 7.03 -13.39 14.08
CA ALA A 369 6.73 -12.12 13.48
C ALA A 369 6.94 -12.18 11.96
N THR A 370 6.30 -11.24 11.25
CA THR A 370 6.56 -11.04 9.83
C THR A 370 7.32 -9.73 9.68
N MET A 371 8.32 -9.71 8.81
CA MET A 371 9.23 -8.57 8.76
C MET A 371 9.03 -7.79 7.47
N MET A 372 8.85 -6.47 7.59
CA MET A 372 8.76 -5.60 6.42
C MET A 372 10.15 -4.98 6.23
N VAL A 373 10.83 -5.39 5.16
CA VAL A 373 12.24 -5.10 4.94
C VAL A 373 12.35 -3.81 4.15
N TRP A 374 13.00 -2.80 4.75
CA TRP A 374 13.10 -1.50 4.10
C TRP A 374 14.53 -0.96 4.01
N ARG A 375 15.39 -1.34 4.94
CA ARG A 375 16.74 -0.80 4.95
C ARG A 375 17.62 -1.59 4.00
N SER A 376 17.68 -1.11 2.75
CA SER A 376 18.44 -1.84 1.74
C SER A 376 19.93 -1.78 1.98
N GLN A 377 20.37 -0.82 2.78
CA GLN A 377 21.79 -0.72 3.12
C GLN A 377 22.23 -1.82 4.08
N MET A 378 21.31 -2.63 4.61
CA MET A 378 21.64 -3.73 5.53
C MET A 378 21.08 -5.04 4.99
N PRO A 379 21.66 -5.56 3.90
CA PRO A 379 21.09 -6.75 3.25
C PRO A 379 21.11 -8.00 4.10
N HIS A 380 21.93 -8.06 5.15
CA HIS A 380 21.97 -9.26 5.98
C HIS A 380 20.71 -9.42 6.81
N ILE A 381 19.93 -8.35 7.03
CA ILE A 381 18.77 -8.46 7.91
C ILE A 381 17.72 -9.37 7.28
N ALA A 382 17.40 -9.14 6.00
CA ALA A 382 16.42 -9.99 5.33
C ALA A 382 16.93 -11.42 5.23
N ALA A 383 18.22 -11.59 4.93
CA ALA A 383 18.80 -12.93 4.84
C ALA A 383 18.69 -13.66 6.17
N GLN A 384 19.00 -12.96 7.28
CA GLN A 384 18.88 -13.57 8.60
C GLN A 384 17.43 -13.88 8.94
N ALA A 385 16.50 -12.99 8.58
CA ALA A 385 15.10 -13.27 8.87
C ALA A 385 14.63 -14.51 8.13
N LEU A 386 15.01 -14.64 6.85
CA LEU A 386 14.61 -15.81 6.08
C LEU A 386 15.20 -17.09 6.67
N ALA A 387 16.46 -17.04 7.09
CA ALA A 387 17.15 -18.22 7.58
C ALA A 387 16.53 -18.71 8.89
N GLN A 388 15.93 -17.81 9.66
CA GLN A 388 15.27 -18.15 10.91
C GLN A 388 13.83 -18.60 10.70
N GLY A 389 13.35 -18.61 9.45
CA GLY A 389 12.05 -19.14 9.13
C GLY A 389 10.93 -18.14 9.02
N ASN A 390 11.22 -16.84 9.16
CA ASN A 390 10.19 -15.81 9.18
C ASN A 390 9.75 -15.40 7.78
N ASP A 391 8.47 -15.05 7.65
CA ASP A 391 7.97 -14.41 6.44
C ASP A 391 8.45 -12.96 6.37
N ILE A 392 8.63 -12.47 5.14
CA ILE A 392 9.05 -11.09 4.92
C ILE A 392 8.23 -10.46 3.80
N VAL A 393 8.12 -9.14 3.84
CA VAL A 393 7.55 -8.33 2.78
C VAL A 393 8.64 -7.35 2.36
N MET A 394 8.95 -7.29 1.06
CA MET A 394 10.04 -6.43 0.59
C MET A 394 9.50 -5.05 0.24
N THR A 395 9.91 -4.03 1.02
CA THR A 395 9.65 -2.64 0.70
C THR A 395 10.97 -1.88 0.71
N PRO A 396 11.93 -2.30 -0.12
CA PRO A 396 13.29 -1.72 -0.05
C PRO A 396 13.33 -0.24 -0.37
N ASN A 397 14.06 0.52 0.46
CA ASN A 397 14.24 1.93 0.14
C ASN A 397 15.15 2.13 -1.07
N SER A 398 15.79 1.07 -1.57
CA SER A 398 16.53 1.19 -2.82
C SER A 398 15.63 1.31 -4.04
N HIS A 399 14.40 0.82 -3.95
CA HIS A 399 13.55 0.67 -5.13
C HIS A 399 12.11 1.13 -4.93
N LEU A 400 11.58 1.16 -3.71
CA LEU A 400 10.14 1.25 -3.53
C LEU A 400 9.74 2.29 -2.50
N TYR A 401 10.61 3.26 -2.23
CA TYR A 401 10.28 4.43 -1.41
C TYR A 401 9.80 5.52 -2.37
N PHE A 402 8.48 5.64 -2.52
CA PHE A 402 7.96 6.53 -3.55
C PHE A 402 7.82 7.97 -3.07
N ASP A 403 8.30 8.27 -1.86
CA ASP A 403 8.56 9.67 -1.55
C ASP A 403 9.79 10.18 -2.30
N TYR A 404 10.61 9.28 -2.85
CA TYR A 404 11.83 9.71 -3.52
C TYR A 404 11.51 10.42 -4.83
N ASP A 405 12.45 11.22 -5.28
CA ASP A 405 12.31 11.89 -6.56
C ASP A 405 12.36 10.88 -7.70
N GLN A 406 12.07 11.37 -8.90
CA GLN A 406 12.14 10.53 -10.10
C GLN A 406 13.13 11.17 -11.06
N GLY A 407 13.09 10.76 -12.33
CA GLY A 407 13.99 11.31 -13.31
C GLY A 407 13.66 12.76 -13.66
N PRO A 408 14.44 13.33 -14.59
CA PRO A 408 14.30 14.76 -14.88
C PRO A 408 12.91 15.11 -15.41
N GLY A 409 12.61 16.40 -15.40
CA GLY A 409 11.42 16.92 -16.02
C GLY A 409 10.43 17.52 -15.07
N LYS A 410 10.65 17.42 -13.77
CA LYS A 410 9.66 17.95 -12.85
C LYS A 410 9.76 19.47 -12.78
N PRO A 411 8.67 20.14 -12.39
CA PRO A 411 8.74 21.59 -12.21
C PRO A 411 9.69 21.95 -11.07
N ALA A 412 10.36 23.10 -11.23
CA ALA A 412 11.25 23.54 -10.17
C ALA A 412 10.50 24.16 -8.99
N ALA A 413 9.22 24.45 -9.15
CA ALA A 413 8.47 25.15 -8.12
C ALA A 413 8.54 24.40 -6.79
N PRO A 414 8.51 25.13 -5.67
CA PRO A 414 8.62 24.47 -4.36
C PRO A 414 7.54 23.44 -4.10
N GLU A 415 6.38 23.58 -4.76
CA GLU A 415 5.30 22.63 -4.56
C GLU A 415 5.71 21.21 -4.93
N TYR A 416 6.67 21.05 -5.84
CA TYR A 416 7.10 19.75 -6.29
C TYR A 416 8.39 19.27 -5.61
N GLU A 417 8.82 19.96 -4.55
CA GLU A 417 10.00 19.53 -3.80
CA GLU A 417 10.01 19.52 -3.84
C GLU A 417 9.77 18.16 -3.19
N THR A 418 10.86 17.40 -3.02
CA THR A 418 10.81 16.08 -2.43
C THR A 418 11.83 15.98 -1.30
N ILE A 419 11.79 14.86 -0.59
CA ILE A 419 12.64 14.69 0.59
C ILE A 419 14.11 14.78 0.23
N ASN A 420 14.50 14.28 -0.94
CA ASN A 420 15.90 14.23 -1.33
C ASN A 420 16.00 14.28 -2.84
N ASN A 421 17.22 14.22 -3.37
CA ASN A 421 17.41 14.26 -4.81
C ASN A 421 17.81 12.91 -5.39
N ASN A 422 17.46 11.81 -4.71
CA ASN A 422 17.55 10.48 -5.30
C ASN A 422 16.60 10.38 -6.47
N GLN A 423 17.08 9.90 -7.60
CA GLN A 423 16.21 9.67 -8.75
C GLN A 423 15.90 8.19 -8.80
N LEU A 424 14.66 7.85 -8.47
CA LEU A 424 14.16 6.49 -8.54
C LEU A 424 13.16 6.46 -9.68
N THR A 425 13.58 5.99 -10.85
CA THR A 425 12.72 6.07 -12.02
C THR A 425 11.82 4.84 -12.09
N TRP A 426 10.80 4.91 -12.95
CA TRP A 426 9.99 3.70 -13.15
C TRP A 426 10.84 2.58 -13.73
N GLN A 427 11.89 2.91 -14.50
CA GLN A 427 12.77 1.86 -15.01
C GLN A 427 13.50 1.17 -13.89
N HIS A 428 13.97 1.93 -12.89
CA HIS A 428 14.61 1.33 -11.74
C HIS A 428 13.66 0.39 -11.01
N VAL A 429 12.42 0.84 -10.81
CA VAL A 429 11.43 0.00 -10.13
C VAL A 429 11.22 -1.29 -10.90
N TYR A 430 11.08 -1.20 -12.22
CA TYR A 430 10.83 -2.36 -13.06
C TYR A 430 11.93 -3.41 -12.94
N GLY A 431 13.17 -2.97 -12.69
CA GLY A 431 14.29 -3.88 -12.53
C GLY A 431 14.40 -4.56 -11.18
N LEU A 432 13.51 -4.24 -10.25
CA LEU A 432 13.57 -4.88 -8.94
C LEU A 432 13.28 -6.37 -9.06
N GLU A 433 14.08 -7.16 -8.37
CA GLU A 433 13.75 -8.57 -8.13
C GLU A 433 13.60 -8.76 -6.63
N PRO A 434 12.38 -9.06 -6.14
CA PRO A 434 12.16 -9.01 -4.68
C PRO A 434 12.85 -10.12 -3.90
N VAL A 435 13.04 -11.31 -4.47
CA VAL A 435 13.65 -12.41 -3.72
C VAL A 435 15.14 -12.14 -3.57
N PRO A 436 15.67 -12.11 -2.35
CA PRO A 436 17.09 -11.81 -2.17
C PRO A 436 17.96 -12.89 -2.83
N GLN A 437 19.06 -12.44 -3.42
CA GLN A 437 19.99 -13.38 -4.05
C GLN A 437 20.49 -14.40 -3.03
N GLY A 438 20.52 -15.66 -3.44
CA GLY A 438 20.98 -16.74 -2.58
C GLY A 438 19.93 -17.35 -1.68
N THR A 439 18.68 -16.90 -1.77
CA THR A 439 17.61 -17.48 -0.94
C THR A 439 17.39 -18.94 -1.33
N PRO A 440 17.44 -19.88 -0.38
CA PRO A 440 17.15 -21.28 -0.72
C PRO A 440 15.78 -21.39 -1.40
N ARG A 441 15.72 -22.23 -2.43
CA ARG A 441 14.47 -22.44 -3.16
CA ARG A 441 14.46 -22.41 -3.16
C ARG A 441 13.33 -22.74 -2.21
N GLU A 442 13.58 -23.57 -1.21
CA GLU A 442 12.52 -23.96 -0.28
C GLU A 442 12.10 -22.82 0.65
N ARG A 443 12.84 -21.71 0.70
CA ARG A 443 12.45 -20.56 1.50
C ARG A 443 11.83 -19.43 0.68
N GLU A 444 11.69 -19.60 -0.64
CA GLU A 444 11.12 -18.53 -1.45
C GLU A 444 9.68 -18.24 -1.05
N LYS A 445 8.95 -19.24 -0.56
CA LYS A 445 7.58 -19.00 -0.14
C LYS A 445 7.48 -18.07 1.06
N GLN A 446 8.59 -17.83 1.77
CA GLN A 446 8.62 -16.87 2.85
C GLN A 446 8.64 -15.44 2.36
N VAL A 447 8.99 -15.23 1.09
CA VAL A 447 8.96 -13.89 0.52
C VAL A 447 7.54 -13.65 0.05
N LEU A 448 6.74 -13.02 0.90
CA LEU A 448 5.32 -12.87 0.62
C LEU A 448 5.09 -11.97 -0.59
N GLY A 449 5.95 -11.00 -0.80
CA GLY A 449 5.75 -10.09 -1.90
C GLY A 449 6.46 -8.77 -1.65
N CYS A 450 5.91 -7.72 -2.23
CA CYS A 450 6.57 -6.43 -2.23
C CYS A 450 5.53 -5.34 -2.22
N GLN A 451 5.99 -4.12 -1.95
CA GLN A 451 5.08 -3.01 -1.70
C GLN A 451 5.88 -1.72 -1.68
N ALA A 452 5.29 -0.65 -2.21
CA ALA A 452 5.94 0.66 -2.18
C ALA A 452 5.34 1.50 -1.07
N ASN A 453 6.18 2.27 -0.41
CA ASN A 453 5.75 3.10 0.71
C ASN A 453 5.73 4.57 0.28
N ILE A 454 4.61 5.25 0.52
CA ILE A 454 4.43 6.61 0.04
C ILE A 454 4.36 7.56 1.23
N TRP A 455 5.53 7.86 1.79
CA TRP A 455 5.64 8.77 2.92
C TRP A 455 5.29 10.19 2.49
N THR A 456 4.54 10.91 3.34
CA THR A 456 3.88 12.11 2.85
C THR A 456 4.39 13.40 3.50
N GLU A 457 5.61 13.41 4.06
CA GLU A 457 6.21 14.67 4.50
C GLU A 457 6.07 15.76 3.43
N TYR A 458 6.38 15.42 2.18
CA TYR A 458 6.37 16.38 1.09
C TYR A 458 5.26 16.10 0.08
N ILE A 459 4.19 15.43 0.49
CA ILE A 459 3.08 15.09 -0.41
C ILE A 459 1.78 15.54 0.23
N PRO A 460 1.37 16.80 0.04
CA PRO A 460 0.21 17.31 0.78
C PRO A 460 -1.13 16.81 0.28
N ASN A 461 -1.27 16.43 -0.99
CA ASN A 461 -2.60 16.08 -1.47
C ASN A 461 -2.48 15.17 -2.70
N LEU A 462 -3.65 14.80 -3.24
CA LEU A 462 -3.70 13.72 -4.23
C LEU A 462 -2.97 14.03 -5.53
N PRO A 463 -3.06 15.21 -6.13
CA PRO A 463 -2.30 15.44 -7.37
C PRO A 463 -0.81 15.21 -7.22
N LYS A 464 -0.22 15.61 -6.09
CA LYS A 464 1.20 15.31 -5.93
C LYS A 464 1.43 13.82 -5.63
N TRP A 465 0.53 13.21 -4.86
CA TRP A 465 0.60 11.78 -4.62
C TRP A 465 0.61 11.01 -5.93
N GLU A 466 -0.29 11.37 -6.85
CA GLU A 466 -0.36 10.72 -8.15
C GLU A 466 0.94 10.86 -8.92
N TYR A 467 1.59 12.02 -8.81
CA TYR A 467 2.84 12.27 -9.51
C TYR A 467 3.92 11.34 -8.97
N HIS A 468 3.94 11.13 -7.65
CA HIS A 468 4.93 10.27 -7.02
C HIS A 468 4.67 8.79 -7.25
N VAL A 469 3.42 8.41 -7.54
CA VAL A 469 3.06 7.00 -7.55
C VAL A 469 2.86 6.46 -8.97
N PHE A 470 2.44 7.29 -9.93
CA PHE A 470 2.26 6.81 -11.29
C PHE A 470 3.23 7.52 -12.21
N PRO A 471 3.97 6.80 -13.08
CA PRO A 471 3.79 5.38 -13.43
C PRO A 471 4.60 4.38 -12.59
N ARG A 472 5.34 4.80 -11.56
CA ARG A 472 6.18 3.82 -10.86
C ARG A 472 5.37 2.64 -10.34
N ALA A 473 4.14 2.89 -9.88
CA ALA A 473 3.31 1.80 -9.35
C ALA A 473 2.94 0.79 -10.42
N LEU A 474 2.87 1.21 -11.68
CA LEU A 474 2.61 0.25 -12.75
C LEU A 474 3.79 -0.68 -12.94
N ALA A 475 5.01 -0.15 -12.83
CA ALA A 475 6.19 -1.03 -12.89
C ALA A 475 6.20 -1.99 -11.71
N LEU A 476 5.83 -1.51 -10.51
CA LEU A 476 5.78 -2.36 -9.33
C LEU A 476 4.71 -3.43 -9.48
N ALA A 477 3.56 -3.05 -10.03
CA ALA A 477 2.49 -4.04 -10.24
C ALA A 477 2.99 -5.22 -11.06
N GLU A 478 3.80 -4.94 -12.09
CA GLU A 478 4.32 -6.01 -12.93
C GLU A 478 5.37 -6.84 -12.20
N VAL A 479 6.27 -6.19 -11.45
CA VAL A 479 7.22 -6.92 -10.62
C VAL A 479 6.50 -7.82 -9.64
N ALA A 480 5.38 -7.34 -9.10
CA ALA A 480 4.71 -8.08 -8.05
C ALA A 480 3.92 -9.25 -8.57
N TRP A 481 3.53 -9.22 -9.84
CA TRP A 481 2.59 -10.20 -10.39
C TRP A 481 3.24 -11.10 -11.44
N THR A 482 3.92 -10.52 -12.40
CA THR A 482 4.39 -11.19 -13.59
C THR A 482 5.62 -12.04 -13.27
N PRO A 483 5.77 -13.22 -13.90
CA PRO A 483 7.00 -14.00 -13.71
C PRO A 483 8.22 -13.20 -14.11
N GLN A 484 9.30 -13.35 -13.33
CA GLN A 484 10.48 -12.52 -13.55
C GLN A 484 10.99 -12.68 -14.98
N GLU A 485 10.95 -13.90 -15.51
CA GLU A 485 11.53 -14.19 -16.81
C GLU A 485 10.72 -13.62 -17.97
N LEU A 486 9.50 -13.13 -17.73
CA LEU A 486 8.71 -12.46 -18.75
C LEU A 486 8.85 -10.95 -18.75
N LYS A 487 9.54 -10.36 -17.77
CA LYS A 487 9.70 -8.92 -17.77
C LYS A 487 10.52 -8.50 -18.98
N ASN A 488 10.16 -7.37 -19.58
CA ASN A 488 10.87 -6.83 -20.74
C ASN A 488 10.56 -5.35 -20.76
N GLU A 489 11.58 -4.51 -20.54
CA GLU A 489 11.32 -3.08 -20.36
C GLU A 489 10.77 -2.44 -21.64
N LYS A 490 11.24 -2.86 -22.81
CA LYS A 490 10.75 -2.26 -24.05
C LYS A 490 9.27 -2.54 -24.24
N ASP A 491 8.85 -3.80 -24.04
CA ASP A 491 7.44 -4.14 -24.19
C ASP A 491 6.61 -3.46 -23.12
N PHE A 492 7.14 -3.39 -21.89
CA PHE A 492 6.41 -2.71 -20.83
C PHE A 492 6.15 -1.25 -21.18
N ARG A 493 7.15 -0.56 -21.74
CA ARG A 493 6.95 0.82 -22.13
C ARG A 493 5.85 0.97 -23.18
N LYS A 494 5.79 0.03 -24.12
CA LYS A 494 4.71 0.08 -25.10
C LYS A 494 3.36 -0.06 -24.42
N ARG A 495 3.25 -0.95 -23.44
CA ARG A 495 1.97 -1.11 -22.77
C ARG A 495 1.68 0.07 -21.85
N LEU A 496 2.72 0.62 -21.22
CA LEU A 496 2.57 1.82 -20.40
C LEU A 496 2.00 2.98 -21.22
N ASP A 497 2.56 3.22 -22.41
CA ASP A 497 2.06 4.31 -23.24
C ASP A 497 0.58 4.14 -23.55
N ARG A 498 0.12 2.91 -23.70
CA ARG A 498 -1.28 2.69 -24.05
C ARG A 498 -2.20 2.77 -22.84
N GLN A 499 -1.66 2.86 -21.62
CA GLN A 499 -2.42 3.17 -20.42
C GLN A 499 -2.76 4.66 -20.28
N LEU A 500 -1.98 5.54 -20.89
CA LEU A 500 -2.12 6.95 -20.59
C LEU A 500 -3.48 7.52 -20.95
N PRO A 501 -4.14 7.13 -22.06
CA PRO A 501 -5.49 7.67 -22.30
C PRO A 501 -6.48 7.38 -21.18
N PHE A 502 -6.45 6.18 -20.61
CA PHE A 502 -7.30 5.90 -19.46
C PHE A 502 -6.97 6.82 -18.29
N LEU A 503 -5.67 6.97 -18.00
CA LEU A 503 -5.28 7.81 -16.87
C LEU A 503 -5.63 9.28 -17.13
N ASP A 504 -5.49 9.74 -18.37
CA ASP A 504 -5.85 11.12 -18.71
C ASP A 504 -7.34 11.36 -18.52
N ALA A 505 -8.16 10.35 -18.83
CA ALA A 505 -9.61 10.52 -18.72
C ALA A 505 -10.05 10.70 -17.28
N ARG A 506 -9.26 10.19 -16.34
CA ARG A 506 -9.51 10.40 -14.92
C ARG A 506 -8.78 11.60 -14.37
N GLY A 507 -8.01 12.31 -15.20
CA GLY A 507 -7.26 13.45 -14.74
C GLY A 507 -6.14 13.12 -13.77
N VAL A 508 -5.56 11.93 -13.89
CA VAL A 508 -4.49 11.52 -12.99
C VAL A 508 -3.22 12.32 -13.30
N ASN A 509 -2.61 12.88 -12.26
CA ASN A 509 -1.40 13.70 -12.44
C ASN A 509 -0.14 12.84 -12.38
N TYR A 510 -0.05 11.87 -13.30
CA TYR A 510 1.13 11.02 -13.36
C TYR A 510 2.32 11.79 -13.90
N LYS A 511 3.51 11.25 -13.66
CA LYS A 511 4.73 11.81 -14.24
C LYS A 511 4.87 11.27 -15.66
N ARG A 512 4.80 12.14 -16.65
CA ARG A 512 4.80 11.69 -18.04
C ARG A 512 6.08 10.93 -18.36
N PRO A 513 5.98 9.71 -18.89
CA PRO A 513 7.20 9.00 -19.32
C PRO A 513 7.97 9.73 -20.39
N ASP A 514 7.30 10.49 -21.26
CA ASP A 514 8.04 11.03 -22.40
C ASP A 514 8.96 12.18 -21.99
N ASN A 515 8.49 13.10 -21.15
CA ASN A 515 9.31 14.25 -20.79
C ASN A 515 9.42 14.52 -19.29
N GLY A 516 8.80 13.70 -18.44
CA GLY A 516 8.92 13.88 -17.01
C GLY A 516 8.03 14.94 -16.42
N ALA A 517 7.26 15.66 -17.23
CA ALA A 517 6.42 16.72 -16.72
C ALA A 517 5.16 16.14 -16.09
N PRO A 518 4.51 16.90 -15.20
CA PRO A 518 3.20 16.45 -14.69
C PRO A 518 2.18 16.35 -15.82
N ALA A 519 1.37 15.29 -15.79
CA ALA A 519 0.31 15.17 -16.78
C ALA A 519 -0.74 16.25 -16.60
N GLN A 520 -0.85 16.79 -15.39
CA GLN A 520 -1.84 17.81 -15.04
C GLN A 520 -1.08 18.99 -14.45
N PRO A 521 -0.39 19.76 -15.30
CA PRO A 521 0.50 20.80 -14.78
C PRO A 521 -0.20 21.91 -14.01
N LYS A 522 -1.50 22.11 -14.20
CA LYS A 522 -2.23 23.11 -13.43
C LYS A 522 -2.89 22.54 -12.18
N ALA A 523 -2.65 21.27 -11.87
CA ALA A 523 -3.21 20.71 -10.65
C ALA A 523 -2.72 21.49 -9.44
N VAL A 524 -3.62 21.74 -8.50
CA VAL A 524 -3.32 22.53 -7.31
C VAL A 524 -2.81 21.60 -6.22
N ILE A 525 -1.62 21.89 -5.71
CA ILE A 525 -0.97 21.12 -4.66
C ILE A 525 -1.01 22.00 -3.41
N THR A 526 -1.79 21.59 -2.41
CA THR A 526 -2.05 22.44 -1.26
C THR A 526 -2.34 21.57 -0.04
N ARG A 527 -2.11 22.15 1.15
CA ARG A 527 -2.50 21.53 2.41
C ARG A 527 -3.94 21.80 2.79
N GLU A 528 -4.62 22.73 2.12
CA GLU A 528 -5.99 23.08 2.50
CA GLU A 528 -5.99 23.08 2.47
C GLU A 528 -6.92 21.90 2.25
N ARG A 529 -7.86 21.70 3.18
CA ARG A 529 -8.83 20.62 3.07
C ARG A 529 -10.22 21.09 3.48
C1 MLA B . -4.10 2.27 33.77
O1A MLA B . -4.15 1.31 32.95
O1B MLA B . -3.45 2.13 34.85
C2 MLA B . -4.80 3.59 33.48
C3 MLA B . -5.90 3.41 32.44
O3A MLA B . -6.96 2.79 32.75
O3B MLA B . -5.76 3.87 31.27
C1 MLA C . -18.94 2.25 -3.85
O1A MLA C . -18.57 1.96 -5.02
O1B MLA C . -18.95 1.36 -2.95
C2 MLA C . -19.39 3.67 -3.51
C3 MLA C . -19.37 3.85 -1.99
O3A MLA C . -20.45 3.82 -1.33
O3B MLA C . -18.28 4.01 -1.39
C1 GOL D . -2.65 7.33 30.49
O1 GOL D . -2.89 8.55 31.13
C2 GOL D . -4.01 6.84 29.96
O2 GOL D . -4.93 6.65 30.98
C3 GOL D . -3.70 5.52 29.18
O3 GOL D . -3.12 4.64 30.09
#